data_2Y91
#
_entry.id   2Y91
#
_cell.length_a   46.788
_cell.length_b   103.790
_cell.length_c   63.647
_cell.angle_alpha   90.00
_cell.angle_beta   94.82
_cell.angle_gamma   90.00
#
_symmetry.space_group_name_H-M   'P 1 21 1'
#
loop_
_entity.id
_entity.type
_entity.pdbx_description
1 polymer BETA-LACTAMASE
2 non-polymer '5-HYDROXY-3-OXOPENTANOIC ACID'
3 non-polymer 'CITRIC ACID'
4 non-polymer 'TRIETHYLENE GLYCOL'
5 water water
#
_entity_poly.entity_id   1
_entity_poly.type   'polypeptide(L)'
_entity_poly.pdbx_seq_one_letter_code
;KTEMKDDFAKLEEQFDAKLGIFALDTGTNRTVTYRPDERFAFA(1X6)TIKALTVGVLLQQKSIEDLNQRITYTRDDLVN
YNPITEKHVDTGMTLKELADASLRYSDNTAQNLILKQIGGPESLKKELRKIGDEVTNPERFEPELNEVNPGETQDTSTAR
ALATSLQAFALEDKLPSEKRELLIDWMKRNTTGDALIRAGVPEGWEVADKTGAGSYGTRNDIAIIWPPKGDPVVLAVLSS
RDKKDAKYDDKLIAEATKVVVKALNMNGK
;
_entity_poly.pdbx_strand_id   A,B
#
# COMPACT_ATOMS: atom_id res chain seq x y z
N LYS A 5 -3.81 -20.59 5.19
CA LYS A 5 -5.29 -20.54 4.91
C LYS A 5 -6.07 -21.69 5.59
N ASP A 6 -5.40 -22.82 5.82
CA ASP A 6 -6.04 -23.92 6.56
C ASP A 6 -6.36 -23.55 8.01
N ASP A 7 -5.48 -22.77 8.63
CA ASP A 7 -5.73 -22.29 10.00
C ASP A 7 -7.03 -21.48 10.08
N PHE A 8 -7.32 -20.69 9.05
CA PHE A 8 -8.55 -19.89 9.01
C PHE A 8 -9.79 -20.76 8.83
N ALA A 9 -9.67 -21.74 7.93
CA ALA A 9 -10.71 -22.74 7.71
C ALA A 9 -11.08 -23.46 9.01
N LYS A 10 -10.08 -23.82 9.79
CA LYS A 10 -10.34 -24.48 11.07
C LYS A 10 -11.06 -23.57 12.09
N LEU A 11 -10.74 -22.27 12.07
CA LEU A 11 -11.48 -21.29 12.88
C LEU A 11 -12.93 -21.14 12.44
N GLU A 12 -13.16 -21.18 11.12
CA GLU A 12 -14.52 -21.18 10.58
C GLU A 12 -15.32 -22.40 11.06
N GLU A 13 -14.64 -23.54 11.20
CA GLU A 13 -15.28 -24.77 11.70
C GLU A 13 -15.51 -24.67 13.20
N GLN A 14 -14.51 -24.17 13.92
CA GLN A 14 -14.55 -24.13 15.39
C GLN A 14 -15.66 -23.20 15.86
N PHE A 15 -15.79 -22.05 15.18
CA PHE A 15 -16.71 -21.01 15.61
C PHE A 15 -17.97 -20.94 14.76
N ASP A 16 -18.10 -21.88 13.83
CA ASP A 16 -19.25 -21.95 12.91
C ASP A 16 -19.63 -20.58 12.34
N ALA A 17 -18.63 -19.97 11.70
CA ALA A 17 -18.78 -18.65 11.13
C ALA A 17 -17.97 -18.59 9.84
N LYS A 18 -18.36 -17.66 8.97
CA LYS A 18 -17.56 -17.28 7.83
C LYS A 18 -16.62 -16.13 8.22
N LEU A 19 -15.35 -16.26 7.84
CA LEU A 19 -14.32 -15.25 8.14
C LEU A 19 -13.84 -14.51 6.90
N GLY A 20 -13.67 -13.20 7.05
CA GLY A 20 -13.13 -12.32 5.99
C GLY A 20 -11.93 -11.60 6.55
N ILE A 21 -10.77 -11.82 5.92
CA ILE A 21 -9.52 -11.29 6.44
C ILE A 21 -8.74 -10.60 5.36
N PHE A 22 -8.32 -9.37 5.64
CA PHE A 22 -7.28 -8.74 4.85
C PHE A 22 -6.29 -8.02 5.74
N ALA A 23 -5.01 -8.35 5.60
CA ALA A 23 -3.95 -7.71 6.34
C ALA A 23 -2.85 -7.33 5.37
N LEU A 24 -2.28 -6.15 5.58
CA LEU A 24 -1.19 -5.63 4.79
C LEU A 24 -0.14 -5.05 5.73
N ASP A 25 1.09 -5.49 5.56
CA ASP A 25 2.24 -4.90 6.25
C ASP A 25 2.76 -3.81 5.32
N THR A 26 2.59 -2.55 5.74
CA THR A 26 2.93 -1.41 4.89
C THR A 26 4.44 -1.23 4.66
N GLY A 27 5.26 -1.94 5.43
CA GLY A 27 6.71 -1.90 5.24
C GLY A 27 7.27 -2.88 4.21
N THR A 28 6.54 -3.98 3.97
CA THR A 28 7.02 -5.06 3.12
C THR A 28 6.08 -5.36 1.94
N ASN A 29 4.83 -4.93 2.06
CA ASN A 29 3.78 -5.27 1.09
C ASN A 29 3.42 -6.76 1.09
N ARG A 30 3.74 -7.45 2.19
CA ARG A 30 3.25 -8.79 2.39
C ARG A 30 1.81 -8.69 2.88
N THR A 31 0.95 -9.59 2.40
CA THR A 31 -0.46 -9.60 2.79
C THR A 31 -0.85 -10.96 3.40
N VAL A 32 -1.94 -10.97 4.16
CA VAL A 32 -2.56 -12.20 4.63
C VAL A 32 -4.01 -12.02 4.23
N THR A 33 -4.53 -12.93 3.41
CA THR A 33 -5.90 -12.82 2.92
C THR A 33 -6.66 -14.12 3.17
N TYR A 34 -7.97 -13.97 3.34
CA TYR A 34 -8.89 -15.11 3.46
C TYR A 34 -10.30 -14.60 3.21
N ARG A 35 -10.93 -15.12 2.15
CA ARG A 35 -12.17 -14.54 1.62
C ARG A 35 -12.10 -13.01 1.65
N PRO A 36 -11.02 -12.43 1.08
CA PRO A 36 -10.83 -10.99 1.24
C PRO A 36 -11.83 -10.12 0.47
N ASP A 37 -12.47 -10.69 -0.54
CA ASP A 37 -13.38 -9.95 -1.39
C ASP A 37 -14.81 -10.38 -1.19
N GLU A 38 -15.06 -11.11 -0.12
CA GLU A 38 -16.43 -11.51 0.23
C GLU A 38 -17.09 -10.43 1.07
N ARG A 39 -18.35 -10.17 0.74
CA ARG A 39 -19.11 -9.10 1.40
C ARG A 39 -19.65 -9.51 2.76
N PHE A 40 -19.56 -8.59 3.72
CA PHE A 40 -20.13 -8.73 5.05
C PHE A 40 -20.80 -7.41 5.38
N ALA A 41 -21.86 -7.45 6.19
CA ALA A 41 -22.39 -6.23 6.77
C ALA A 41 -21.25 -5.52 7.49
N PHE A 42 -20.99 -4.25 7.17
CA PHE A 42 -19.91 -3.57 7.87
C PHE A 42 -20.24 -3.19 9.32
N ALA A 43 -21.52 -3.02 9.64
CA ALA A 43 -21.95 -2.63 10.99
C ALA A 43 -21.21 -1.36 11.47
N THR A 45 -18.17 -0.66 12.08
CA THR A 45 -16.88 -0.31 11.48
C THR A 45 -16.98 0.94 10.60
N ILE A 46 -18.16 1.17 10.02
CA ILE A 46 -18.40 2.30 9.13
C ILE A 46 -18.17 3.63 9.84
N LYS A 47 -18.31 3.62 11.17
CA LYS A 47 -18.04 4.78 12.01
C LYS A 47 -16.62 5.35 11.84
N ALA A 48 -15.63 4.48 11.71
CA ALA A 48 -14.25 4.93 11.41
C ALA A 48 -14.16 5.73 10.09
N LEU A 49 -14.74 5.19 9.03
CA LEU A 49 -14.67 5.83 7.72
C LEU A 49 -15.51 7.11 7.66
N THR A 50 -16.63 7.13 8.40
CA THR A 50 -17.48 8.32 8.52
C THR A 50 -16.71 9.49 9.14
N VAL A 51 -16.00 9.21 10.24
CA VAL A 51 -15.11 10.22 10.84
C VAL A 51 -13.96 10.61 9.91
N GLY A 52 -13.41 9.66 9.15
CA GLY A 52 -12.39 10.00 8.15
C GLY A 52 -12.89 11.07 7.17
N VAL A 53 -14.10 10.86 6.66
CA VAL A 53 -14.75 11.84 5.76
C VAL A 53 -15.06 13.15 6.50
N LEU A 54 -15.59 13.07 7.72
CA LEU A 54 -15.82 14.30 8.46
C LEU A 54 -14.53 15.12 8.53
N LEU A 55 -13.41 14.47 8.88
CA LEU A 55 -12.13 15.18 9.01
C LEU A 55 -11.65 15.79 7.68
N GLN A 56 -11.99 15.14 6.57
CA GLN A 56 -11.76 15.71 5.23
C GLN A 56 -12.48 17.04 5.02
N GLN A 57 -13.67 17.18 5.63
CA GLN A 57 -14.55 18.32 5.37
C GLN A 57 -14.51 19.42 6.43
N LYS A 58 -14.19 19.07 7.67
CA LYS A 58 -14.20 20.02 8.75
C LYS A 58 -12.78 20.40 9.15
N SER A 59 -12.59 21.68 9.46
CA SER A 59 -11.39 22.13 10.13
C SER A 59 -11.45 21.69 11.60
N ILE A 60 -10.32 21.77 12.32
CA ILE A 60 -10.31 21.44 13.75
C ILE A 60 -11.24 22.33 14.58
N GLU A 61 -11.26 23.64 14.30
CA GLU A 61 -12.17 24.53 15.01
C GLU A 61 -13.65 24.31 14.62
N ASP A 62 -13.89 23.82 13.40
CA ASP A 62 -15.22 23.35 13.02
C ASP A 62 -15.75 22.29 13.99
N LEU A 63 -14.84 21.46 14.51
CA LEU A 63 -15.25 20.36 15.41
C LEU A 63 -15.75 20.86 16.77
N ASN A 64 -15.46 22.12 17.09
CA ASN A 64 -16.00 22.75 18.31
C ASN A 64 -17.46 23.18 18.20
N GLN A 65 -18.01 23.09 16.99
CA GLN A 65 -19.42 23.41 16.77
C GLN A 65 -20.33 22.49 17.58
N ARG A 66 -21.21 23.10 18.37
CA ARG A 66 -22.20 22.37 19.16
C ARG A 66 -23.36 21.91 18.29
N ILE A 67 -23.68 20.62 18.39
CA ILE A 67 -24.82 20.04 17.72
C ILE A 67 -25.89 19.77 18.78
N THR A 68 -27.12 20.23 18.54
CA THR A 68 -28.21 19.92 19.45
C THR A 68 -29.13 18.88 18.84
N TYR A 69 -29.86 18.19 19.70
CA TYR A 69 -30.69 17.06 19.30
C TYR A 69 -31.65 16.74 20.44
N THR A 70 -32.65 15.90 20.17
CA THR A 70 -33.72 15.64 21.13
C THR A 70 -33.78 14.17 21.52
N ARG A 71 -34.63 13.86 22.49
CA ARG A 71 -34.96 12.49 22.87
C ARG A 71 -35.37 11.70 21.63
N ASP A 72 -36.13 12.38 20.75
CA ASP A 72 -36.58 11.80 19.48
C ASP A 72 -35.46 11.33 18.59
N ASP A 73 -34.34 12.06 18.60
CA ASP A 73 -33.17 11.77 17.77
C ASP A 73 -32.40 10.53 18.26
N LEU A 74 -32.63 10.15 19.50
CA LEU A 74 -31.95 9.00 20.12
C LEU A 74 -32.44 7.69 19.52
N VAL A 75 -31.50 6.79 19.21
CA VAL A 75 -31.86 5.46 18.72
C VAL A 75 -31.71 4.41 19.84
N ASN A 76 -31.27 3.20 19.49
CA ASN A 76 -31.27 2.07 20.42
C ASN A 76 -30.10 2.04 21.41
N TYR A 77 -28.90 2.45 20.95
CA TYR A 77 -27.66 2.35 21.73
C TYR A 77 -26.92 3.68 21.79
N ASN A 78 -27.19 4.44 22.85
CA ASN A 78 -26.69 5.81 22.92
C ASN A 78 -25.93 6.07 24.22
N PRO A 79 -24.86 5.30 24.49
CA PRO A 79 -24.19 5.35 25.79
C PRO A 79 -23.78 6.77 26.20
N ILE A 80 -23.34 7.60 25.26
CA ILE A 80 -22.90 8.96 25.57
C ILE A 80 -23.98 10.02 25.26
N THR A 81 -24.52 9.96 24.04
CA THR A 81 -25.43 10.98 23.57
C THR A 81 -26.70 11.09 24.41
N GLU A 82 -27.17 9.99 24.99
CA GLU A 82 -28.40 10.03 25.79
C GLU A 82 -28.18 10.86 27.07
N LYS A 83 -26.91 11.03 27.44
CA LYS A 83 -26.53 11.77 28.65
C LYS A 83 -26.40 13.28 28.42
N HIS A 84 -26.57 13.74 27.18
CA HIS A 84 -26.32 15.15 26.85
C HIS A 84 -27.42 15.78 25.99
N VAL A 85 -28.60 15.18 25.99
CA VAL A 85 -29.75 15.71 25.24
C VAL A 85 -30.00 17.20 25.54
N ASP A 86 -29.86 17.58 26.83
CA ASP A 86 -30.19 18.92 27.29
C ASP A 86 -29.19 19.97 26.81
N THR A 87 -27.93 19.57 26.68
CA THR A 87 -26.86 20.51 26.36
C THR A 87 -26.29 20.38 24.94
N GLY A 88 -26.61 19.28 24.26
CA GLY A 88 -25.98 18.99 22.98
C GLY A 88 -24.53 18.62 23.18
N MET A 89 -23.86 18.32 22.07
CA MET A 89 -22.46 17.90 22.07
C MET A 89 -21.74 18.53 20.89
N THR A 90 -20.45 18.77 21.03
CA THR A 90 -19.64 19.29 19.94
C THR A 90 -19.34 18.15 18.96
N LEU A 91 -18.99 18.50 17.73
CA LEU A 91 -18.73 17.50 16.72
C LEU A 91 -17.56 16.63 17.19
N LYS A 92 -16.55 17.28 17.78
CA LYS A 92 -15.38 16.58 18.36
C LYS A 92 -15.78 15.56 19.43
N GLU A 93 -16.71 15.94 20.31
CA GLU A 93 -17.26 15.04 21.34
C GLU A 93 -18.08 13.87 20.75
N LEU A 94 -18.84 14.17 19.70
CA LEU A 94 -19.59 13.15 18.95
C LEU A 94 -18.67 12.15 18.25
N ALA A 95 -17.61 12.64 17.63
CA ALA A 95 -16.60 11.76 17.00
C ALA A 95 -16.02 10.82 18.04
N ASP A 96 -15.75 11.37 19.23
CA ASP A 96 -15.20 10.60 20.34
C ASP A 96 -16.13 9.46 20.75
N ALA A 97 -17.42 9.79 20.93
CA ALA A 97 -18.42 8.85 21.38
C ALA A 97 -18.65 7.78 20.32
N SER A 98 -18.72 8.21 19.06
CA SER A 98 -18.93 7.27 17.97
C SER A 98 -17.79 6.27 17.86
N LEU A 99 -16.54 6.74 17.91
CA LEU A 99 -15.41 5.84 17.68
C LEU A 99 -15.07 4.97 18.88
N ARG A 100 -15.12 5.56 20.06
CA ARG A 100 -14.60 4.91 21.25
C ARG A 100 -15.66 4.17 22.03
N TYR A 101 -16.92 4.61 21.91
CA TYR A 101 -18.03 3.90 22.56
C TYR A 101 -19.02 3.27 21.59
N SER A 102 -18.84 3.54 20.30
CA SER A 102 -19.74 3.03 19.25
C SER A 102 -21.18 3.55 19.45
N ASP A 103 -21.27 4.81 19.87
CA ASP A 103 -22.53 5.48 20.10
C ASP A 103 -23.23 5.65 18.75
N ASN A 104 -24.44 5.08 18.63
CA ASN A 104 -25.19 5.08 17.35
C ASN A 104 -25.79 6.41 16.94
N THR A 105 -26.32 7.15 17.90
CA THR A 105 -26.82 8.51 17.66
C THR A 105 -25.67 9.42 17.23
N ALA A 106 -24.49 9.26 17.85
CA ALA A 106 -23.33 10.08 17.50
C ALA A 106 -22.99 9.84 16.03
N GLN A 107 -22.94 8.57 15.64
CA GLN A 107 -22.71 8.23 14.23
C GLN A 107 -23.76 8.90 13.33
N ASN A 108 -25.05 8.80 13.71
CA ASN A 108 -26.11 9.38 12.87
C ASN A 108 -25.98 10.89 12.71
N LEU A 109 -25.67 11.58 13.80
CA LEU A 109 -25.44 13.02 13.79
C LEU A 109 -24.23 13.42 12.94
N ILE A 110 -23.15 12.65 13.02
CA ILE A 110 -21.98 12.91 12.19
C ILE A 110 -22.34 12.65 10.73
N LEU A 111 -23.06 11.55 10.49
CA LEU A 111 -23.44 11.19 9.14
C LEU A 111 -24.30 12.26 8.44
N LYS A 112 -25.27 12.84 9.16
CA LYS A 112 -26.05 13.97 8.65
C LYS A 112 -25.12 15.12 8.27
N GLN A 113 -24.18 15.43 9.17
CA GLN A 113 -23.20 16.50 8.94
C GLN A 113 -22.41 16.37 7.64
N ILE A 114 -22.20 15.15 7.17
CA ILE A 114 -21.43 14.97 5.96
C ILE A 114 -22.30 14.75 4.71
N GLY A 115 -23.61 14.83 4.89
CA GLY A 115 -24.56 14.74 3.79
C GLY A 115 -25.30 13.44 3.65
N GLY A 116 -25.17 12.55 4.64
CA GLY A 116 -25.91 11.29 4.67
C GLY A 116 -25.18 10.15 3.99
N PRO A 117 -25.80 8.94 4.00
CA PRO A 117 -25.13 7.78 3.48
C PRO A 117 -24.67 7.92 2.02
N GLU A 118 -25.45 8.58 1.18
CA GLU A 118 -25.07 8.77 -0.22
C GLU A 118 -23.79 9.62 -0.36
N SER A 119 -23.67 10.69 0.43
CA SER A 119 -22.46 11.52 0.40
C SER A 119 -21.26 10.74 0.87
N LEU A 120 -21.42 9.99 1.95
CA LEU A 120 -20.38 9.09 2.41
C LEU A 120 -19.94 8.15 1.29
N LYS A 121 -20.91 7.55 0.60
CA LYS A 121 -20.59 6.65 -0.51
C LYS A 121 -19.78 7.37 -1.61
N LYS A 122 -20.25 8.55 -2.01
CA LYS A 122 -19.56 9.34 -3.03
C LYS A 122 -18.13 9.67 -2.62
N GLU A 123 -17.96 10.01 -1.35
CA GLU A 123 -16.63 10.31 -0.83
C GLU A 123 -15.71 9.10 -0.83
N LEU A 124 -16.25 7.94 -0.45
CA LEU A 124 -15.46 6.71 -0.49
C LEU A 124 -15.11 6.35 -1.94
N ARG A 125 -16.07 6.50 -2.85
CA ARG A 125 -15.80 6.28 -4.28
C ARG A 125 -14.63 7.13 -4.79
N LYS A 126 -14.58 8.40 -4.34
CA LYS A 126 -13.52 9.34 -4.71
C LYS A 126 -12.12 8.91 -4.27
N ILE A 127 -12.03 8.25 -3.13
CA ILE A 127 -10.72 7.77 -2.65
C ILE A 127 -10.34 6.40 -3.25
N GLY A 128 -11.18 5.88 -4.15
CA GLY A 128 -10.93 4.59 -4.81
C GLY A 128 -11.61 3.37 -4.21
N ASP A 129 -12.46 3.57 -3.20
CA ASP A 129 -13.26 2.47 -2.65
C ASP A 129 -14.54 2.30 -3.48
N GLU A 130 -14.57 1.27 -4.32
CA GLU A 130 -15.72 1.01 -5.20
C GLU A 130 -16.65 -0.08 -4.63
N VAL A 131 -16.42 -0.47 -3.38
CA VAL A 131 -17.03 -1.66 -2.80
C VAL A 131 -18.01 -1.32 -1.67
N THR A 132 -17.52 -0.54 -0.71
CA THR A 132 -18.31 -0.15 0.46
C THR A 132 -19.58 0.54 0.01
N ASN A 133 -20.72 0.07 0.53
CA ASN A 133 -22.00 0.52 0.02
C ASN A 133 -22.97 1.05 1.12
N PRO A 134 -22.68 2.25 1.67
CA PRO A 134 -23.53 2.80 2.74
C PRO A 134 -24.90 3.26 2.21
N GLU A 135 -25.99 2.84 2.86
CA GLU A 135 -27.34 3.27 2.49
C GLU A 135 -28.17 3.76 3.68
N ARG A 136 -27.84 3.32 4.88
CA ARG A 136 -28.73 3.59 6.02
C ARG A 136 -27.99 4.16 7.24
N PHE A 137 -28.78 4.63 8.20
CA PHE A 137 -28.30 5.09 9.51
C PHE A 137 -28.28 3.96 10.52
N GLU A 138 -27.83 4.23 11.74
CA GLU A 138 -27.81 3.23 12.82
C GLU A 138 -29.18 3.26 13.55
N PRO A 139 -29.68 2.10 14.04
CA PRO A 139 -29.08 0.78 13.96
C PRO A 139 -29.51 -0.07 12.75
N GLU A 140 -30.36 0.47 11.86
CA GLU A 140 -30.88 -0.36 10.76
C GLU A 140 -29.79 -0.85 9.84
N LEU A 141 -28.73 -0.05 9.65
CA LEU A 141 -27.64 -0.47 8.79
C LEU A 141 -27.05 -1.82 9.21
N ASN A 142 -27.16 -2.17 10.50
CA ASN A 142 -26.56 -3.42 11.00
C ASN A 142 -27.27 -4.69 10.52
N GLU A 143 -28.50 -4.54 10.00
CA GLU A 143 -29.30 -5.68 9.57
C GLU A 143 -29.22 -5.92 8.06
N VAL A 144 -28.31 -6.79 7.65
CA VAL A 144 -28.13 -7.15 6.25
C VAL A 144 -28.46 -8.64 6.04
N ASN A 145 -29.33 -8.91 5.07
CA ASN A 145 -29.76 -10.27 4.75
C ASN A 145 -28.85 -10.92 3.73
N PRO A 146 -28.83 -12.28 3.69
CA PRO A 146 -27.88 -12.95 2.78
C PRO A 146 -28.11 -12.58 1.32
N GLY A 147 -27.03 -12.38 0.58
CA GLY A 147 -27.12 -11.97 -0.82
C GLY A 147 -27.13 -10.46 -1.04
N GLU A 148 -27.55 -9.71 -0.03
CA GLU A 148 -27.66 -8.23 -0.10
C GLU A 148 -26.30 -7.53 -0.09
N THR A 149 -26.21 -6.40 -0.77
CA THR A 149 -24.98 -5.59 -0.77
C THR A 149 -25.13 -4.27 -0.01
N GLN A 150 -26.37 -3.88 0.32
CA GLN A 150 -26.59 -2.65 1.05
C GLN A 150 -25.89 -2.69 2.38
N ASP A 151 -25.20 -1.60 2.70
CA ASP A 151 -24.42 -1.51 3.96
C ASP A 151 -23.42 -2.63 4.15
N THR A 152 -22.87 -3.12 3.04
CA THR A 152 -21.78 -4.10 3.12
C THR A 152 -20.48 -3.53 2.60
N SER A 153 -19.39 -4.23 2.90
CA SER A 153 -18.10 -3.99 2.28
C SER A 153 -17.35 -5.33 2.33
N THR A 154 -16.08 -5.31 1.96
CA THR A 154 -15.23 -6.49 2.07
C THR A 154 -14.05 -6.19 3.03
N ALA A 155 -13.36 -7.24 3.48
CA ALA A 155 -12.18 -7.06 4.33
C ALA A 155 -11.17 -6.16 3.62
N ARG A 156 -10.96 -6.41 2.32
CA ARG A 156 -9.93 -5.67 1.60
C ARG A 156 -10.30 -4.18 1.48
N ALA A 157 -11.56 -3.90 1.23
CA ALA A 157 -12.01 -2.53 0.97
C ALA A 157 -12.00 -1.73 2.25
N LEU A 158 -12.55 -2.30 3.31
CA LEU A 158 -12.52 -1.68 4.63
C LEU A 158 -11.09 -1.36 5.10
N ALA A 159 -10.19 -2.33 4.97
CA ALA A 159 -8.78 -2.13 5.38
C ALA A 159 -8.15 -1.02 4.55
N THR A 160 -8.41 -1.04 3.24
CA THR A 160 -7.83 -0.08 2.31
C THR A 160 -8.34 1.35 2.54
N SER A 161 -9.65 1.50 2.78
CA SER A 161 -10.23 2.79 3.09
C SER A 161 -9.74 3.30 4.46
N LEU A 162 -9.66 2.41 5.45
CA LEU A 162 -9.08 2.82 6.74
C LEU A 162 -7.61 3.28 6.56
N GLN A 163 -6.84 2.51 5.81
CA GLN A 163 -5.45 2.91 5.50
C GLN A 163 -5.40 4.29 4.81
N ALA A 164 -6.35 4.56 3.92
CA ALA A 164 -6.36 5.80 3.14
C ALA A 164 -6.41 7.01 4.07
N PHE A 165 -7.28 6.94 5.07
CA PHE A 165 -7.48 8.04 5.99
C PHE A 165 -6.44 8.10 7.09
N ALA A 166 -6.06 6.94 7.62
CA ALA A 166 -5.18 6.91 8.80
C ALA A 166 -3.69 7.01 8.46
N LEU A 167 -3.30 6.52 7.30
CA LEU A 167 -1.87 6.36 6.99
C LEU A 167 -1.40 7.09 5.74
N GLU A 168 -2.33 7.39 4.84
CA GLU A 168 -1.99 7.99 3.53
C GLU A 168 -2.31 9.47 3.53
N ASP A 169 -2.40 10.07 2.34
CA ASP A 169 -2.51 11.52 2.24
C ASP A 169 -3.95 12.00 2.02
N LYS A 170 -4.94 11.16 2.34
CA LYS A 170 -6.35 11.57 2.29
C LYS A 170 -6.70 12.54 3.40
N LEU A 171 -5.94 12.48 4.48
CA LEU A 171 -5.97 13.48 5.54
C LEU A 171 -4.56 14.02 5.73
N PRO A 172 -4.43 15.31 6.09
CA PRO A 172 -3.11 15.83 6.48
C PRO A 172 -2.74 15.29 7.87
N SER A 173 -1.46 15.31 8.21
CA SER A 173 -0.95 14.56 9.36
C SER A 173 -1.66 14.81 10.70
N GLU A 174 -1.92 16.07 11.05
CA GLU A 174 -2.62 16.37 12.30
C GLU A 174 -4.00 15.72 12.39
N LYS A 175 -4.71 15.65 11.27
CA LYS A 175 -6.00 14.99 11.26
C LYS A 175 -5.88 13.46 11.31
N ARG A 176 -4.86 12.92 10.64
CA ARG A 176 -4.50 11.51 10.77
C ARG A 176 -4.27 11.16 12.24
N GLU A 177 -3.44 11.97 12.89
CA GLU A 177 -3.09 11.75 14.31
C GLU A 177 -4.32 11.78 15.20
N LEU A 178 -5.22 12.71 14.91
CA LEU A 178 -6.49 12.82 15.63
C LEU A 178 -7.34 11.53 15.51
N LEU A 179 -7.53 11.08 14.28
CA LEU A 179 -8.26 9.83 14.02
C LEU A 179 -7.57 8.64 14.73
N ILE A 180 -6.26 8.54 14.55
CA ILE A 180 -5.50 7.45 15.14
C ILE A 180 -5.63 7.44 16.67
N ASP A 181 -5.49 8.61 17.27
CA ASP A 181 -5.56 8.74 18.73
C ASP A 181 -6.92 8.30 19.28
N TRP A 182 -8.01 8.70 18.62
CA TRP A 182 -9.33 8.24 19.03
C TRP A 182 -9.42 6.72 18.94
N MET A 183 -8.89 6.14 17.87
CA MET A 183 -9.02 4.72 17.63
C MET A 183 -8.13 3.92 18.55
N LYS A 184 -6.98 4.50 18.90
CA LYS A 184 -6.08 3.91 19.89
C LYS A 184 -6.78 3.80 21.24
N ARG A 185 -7.67 4.75 21.52
CA ARG A 185 -8.36 4.79 22.81
C ARG A 185 -9.78 4.22 22.73
N ASN A 186 -10.05 3.40 21.70
CA ASN A 186 -11.29 2.66 21.64
C ASN A 186 -11.53 1.81 22.88
N THR A 187 -12.76 1.80 23.39
CA THR A 187 -13.12 1.06 24.60
C THR A 187 -13.76 -0.32 24.33
N THR A 188 -14.14 -0.60 23.08
CA THR A 188 -14.99 -1.75 22.73
C THR A 188 -14.26 -3.00 22.14
N GLY A 189 -12.97 -2.91 21.89
CA GLY A 189 -12.27 -4.01 21.22
C GLY A 189 -11.23 -4.77 22.03
N ASP A 190 -11.37 -4.76 23.36
CA ASP A 190 -10.38 -5.46 24.21
C ASP A 190 -10.30 -6.97 23.97
N ALA A 191 -11.42 -7.56 23.55
CA ALA A 191 -11.50 -9.00 23.31
C ALA A 191 -11.30 -9.37 21.84
N LEU A 192 -10.98 -8.38 20.99
CA LEU A 192 -10.95 -8.63 19.56
C LEU A 192 -9.51 -8.59 19.03
N ILE A 193 -9.21 -7.73 18.06
CA ILE A 193 -7.83 -7.61 17.56
C ILE A 193 -6.83 -7.39 18.68
N ARG A 194 -7.16 -6.57 19.68
CA ARG A 194 -6.24 -6.30 20.81
C ARG A 194 -5.82 -7.56 21.58
N ALA A 195 -6.70 -8.56 21.64
CA ALA A 195 -6.40 -9.80 22.36
C ALA A 195 -5.61 -10.80 21.52
N GLY A 196 -5.35 -10.44 20.26
CA GLY A 196 -4.67 -11.34 19.33
C GLY A 196 -3.28 -10.89 18.90
N VAL A 197 -2.83 -9.75 19.41
CA VAL A 197 -1.50 -9.21 19.07
C VAL A 197 -0.53 -9.40 20.23
N PRO A 198 0.78 -9.63 19.94
CA PRO A 198 1.75 -9.81 21.03
C PRO A 198 1.90 -8.57 21.91
N GLU A 199 2.49 -8.75 23.10
CA GLU A 199 2.76 -7.65 24.02
C GLU A 199 3.58 -6.54 23.35
N GLY A 200 3.25 -5.28 23.63
CA GLY A 200 4.01 -4.14 23.11
C GLY A 200 3.62 -3.71 21.70
N TRP A 201 2.67 -4.41 21.10
CA TRP A 201 2.08 -4.01 19.83
C TRP A 201 0.97 -3.02 20.13
N GLU A 202 0.93 -1.92 19.37
CA GLU A 202 -0.04 -0.85 19.54
C GLU A 202 -1.20 -1.03 18.56
N VAL A 203 -2.43 -0.80 19.04
CA VAL A 203 -3.65 -1.05 18.23
C VAL A 203 -4.57 0.15 18.22
N ALA A 204 -5.05 0.47 17.01
CA ALA A 204 -6.05 1.48 16.81
C ALA A 204 -7.17 0.79 16.03
N ASP A 205 -8.33 0.63 16.67
CA ASP A 205 -9.35 -0.24 16.08
C ASP A 205 -10.74 0.37 16.17
N LYS A 206 -11.65 -0.13 15.33
CA LYS A 206 -13.09 0.10 15.46
C LYS A 206 -13.82 -1.23 15.20
N THR A 207 -14.74 -1.54 16.11
CA THR A 207 -15.48 -2.79 16.11
C THR A 207 -16.83 -2.63 15.45
N GLY A 208 -17.49 -3.75 15.17
CA GLY A 208 -18.85 -3.73 14.66
C GLY A 208 -19.54 -5.04 15.02
N ALA A 209 -20.85 -4.96 15.20
CA ALA A 209 -21.68 -6.11 15.47
C ALA A 209 -22.97 -5.93 14.69
N GLY A 210 -23.41 -6.95 13.97
CA GLY A 210 -24.67 -6.88 13.22
C GLY A 210 -25.43 -8.19 13.17
N SER A 211 -26.51 -8.23 12.38
CA SER A 211 -27.36 -9.42 12.27
C SER A 211 -26.57 -10.58 11.70
N TYR A 212 -27.13 -11.79 11.83
CA TYR A 212 -26.45 -13.03 11.43
C TYR A 212 -25.14 -13.20 12.19
N GLY A 213 -25.10 -12.75 13.44
CA GLY A 213 -23.92 -12.93 14.29
C GLY A 213 -22.66 -12.27 13.72
N THR A 214 -22.86 -11.17 12.98
CA THR A 214 -21.75 -10.46 12.36
C THR A 214 -20.88 -9.81 13.43
N ARG A 215 -19.57 -10.04 13.37
CA ARG A 215 -18.68 -9.47 14.36
C ARG A 215 -17.37 -9.10 13.68
N ASN A 216 -17.12 -7.80 13.66
CA ASN A 216 -16.01 -7.20 12.91
C ASN A 216 -15.04 -6.38 13.78
N ASP A 217 -13.82 -6.29 13.29
CA ASP A 217 -12.85 -5.35 13.86
C ASP A 217 -11.93 -4.94 12.71
N ILE A 218 -11.70 -3.64 12.59
CA ILE A 218 -10.71 -3.13 11.63
C ILE A 218 -9.76 -2.27 12.38
N ALA A 219 -8.51 -2.25 11.93
CA ALA A 219 -7.45 -1.68 12.74
C ALA A 219 -6.19 -1.33 11.96
N ILE A 220 -5.43 -0.40 12.55
CA ILE A 220 -4.02 -0.22 12.26
C ILE A 220 -3.28 -0.70 13.49
N ILE A 221 -2.25 -1.50 13.27
CA ILE A 221 -1.46 -2.04 14.36
C ILE A 221 0.04 -1.81 14.13
N TRP A 222 0.76 -1.50 15.22
CA TRP A 222 2.15 -1.13 15.12
C TRP A 222 2.99 -2.11 15.92
N PRO A 223 3.85 -2.90 15.25
CA PRO A 223 4.86 -3.68 15.97
C PRO A 223 5.74 -2.75 16.79
N PRO A 224 6.48 -3.27 17.77
CA PRO A 224 7.42 -2.43 18.52
C PRO A 224 8.33 -1.58 17.62
N LYS A 225 8.94 -2.19 16.61
CA LYS A 225 9.65 -1.40 15.59
C LYS A 225 9.23 -1.80 14.17
N GLY A 226 9.13 -0.79 13.30
CA GLY A 226 8.74 -1.01 11.92
C GLY A 226 7.38 -0.42 11.61
N ASP A 227 6.97 -0.59 10.36
CA ASP A 227 5.80 0.07 9.81
C ASP A 227 4.48 -0.55 10.27
N PRO A 228 3.39 0.23 10.19
CA PRO A 228 2.10 -0.31 10.62
C PRO A 228 1.55 -1.41 9.72
N VAL A 229 0.74 -2.28 10.32
CA VAL A 229 0.00 -3.30 9.60
C VAL A 229 -1.45 -2.83 9.61
N VAL A 230 -2.10 -2.89 8.45
CA VAL A 230 -3.53 -2.60 8.34
C VAL A 230 -4.21 -3.95 8.35
N LEU A 231 -5.31 -4.08 9.11
CA LEU A 231 -6.02 -5.35 9.25
C LEU A 231 -7.52 -5.15 9.34
N ALA A 232 -8.27 -5.90 8.54
CA ALA A 232 -9.71 -6.03 8.73
C ALA A 232 -10.00 -7.51 9.02
N VAL A 233 -10.77 -7.78 10.07
CA VAL A 233 -11.25 -9.13 10.37
C VAL A 233 -12.76 -9.07 10.49
N LEU A 234 -13.44 -9.68 9.51
CA LEU A 234 -14.89 -9.65 9.46
C LEU A 234 -15.42 -11.06 9.65
N SER A 235 -16.64 -11.17 10.19
CA SER A 235 -17.29 -12.47 10.34
C SER A 235 -18.81 -12.41 10.37
N SER A 236 -19.43 -13.50 9.94
CA SER A 236 -20.88 -13.63 9.97
C SER A 236 -21.22 -15.11 10.09
N ARG A 237 -22.48 -15.38 10.38
CA ARG A 237 -22.92 -16.74 10.67
C ARG A 237 -24.20 -17.02 9.88
N ASP A 238 -24.71 -18.24 9.97
CA ASP A 238 -25.77 -18.64 9.05
C ASP A 238 -27.21 -18.33 9.51
N LYS A 239 -27.38 -18.02 10.79
CA LYS A 239 -28.69 -17.74 11.37
C LYS A 239 -28.85 -16.26 11.78
N LYS A 240 -30.02 -15.68 11.49
CA LYS A 240 -30.28 -14.26 11.72
C LYS A 240 -30.05 -13.80 13.16
N ASP A 241 -30.38 -14.66 14.11
CA ASP A 241 -30.35 -14.31 15.51
C ASP A 241 -29.10 -14.86 16.20
N ALA A 242 -28.15 -15.34 15.41
CA ALA A 242 -26.94 -15.96 15.97
C ALA A 242 -26.17 -15.02 16.89
N LYS A 243 -25.56 -15.60 17.93
CA LYS A 243 -24.68 -14.83 18.80
C LYS A 243 -23.28 -15.00 18.26
N TYR A 244 -22.45 -13.98 18.42
CA TYR A 244 -21.05 -14.07 18.00
C TYR A 244 -20.14 -14.43 19.18
N ASP A 245 -18.92 -14.82 18.88
CA ASP A 245 -17.91 -15.09 19.92
C ASP A 245 -16.67 -14.31 19.53
N ASP A 246 -16.30 -13.35 20.38
CA ASP A 246 -15.17 -12.43 20.12
C ASP A 246 -13.88 -13.20 19.89
N LYS A 247 -13.73 -14.33 20.57
CA LYS A 247 -12.55 -15.20 20.47
C LYS A 247 -12.20 -15.55 19.04
N LEU A 248 -13.21 -15.67 18.18
CA LEU A 248 -12.96 -15.88 16.76
C LEU A 248 -12.00 -14.83 16.19
N ILE A 249 -12.24 -13.57 16.53
CA ILE A 249 -11.45 -12.46 15.99
C ILE A 249 -10.05 -12.40 16.60
N ALA A 250 -9.97 -12.62 17.91
CA ALA A 250 -8.69 -12.72 18.61
C ALA A 250 -7.83 -13.82 18.00
N GLU A 251 -8.41 -15.03 17.87
CA GLU A 251 -7.68 -16.15 17.27
C GLU A 251 -7.26 -15.89 15.82
N ALA A 252 -8.16 -15.30 15.02
CA ALA A 252 -7.84 -14.95 13.63
C ALA A 252 -6.63 -14.01 13.54
N THR A 253 -6.60 -13.03 14.43
CA THR A 253 -5.54 -12.03 14.52
C THR A 253 -4.20 -12.72 14.81
N LYS A 254 -4.24 -13.73 15.69
CA LYS A 254 -3.03 -14.46 16.07
C LYS A 254 -2.45 -15.18 14.86
N VAL A 255 -3.34 -15.73 14.03
CA VAL A 255 -2.93 -16.37 12.78
C VAL A 255 -2.26 -15.35 11.87
N VAL A 256 -2.90 -14.20 11.73
CA VAL A 256 -2.35 -13.09 10.94
C VAL A 256 -0.96 -12.68 11.43
N VAL A 257 -0.82 -12.48 12.74
CA VAL A 257 0.48 -12.10 13.28
C VAL A 257 1.54 -13.17 12.99
N LYS A 258 1.21 -14.43 13.28
CA LYS A 258 2.11 -15.55 12.99
C LYS A 258 2.53 -15.56 11.52
N ALA A 259 1.57 -15.35 10.61
CA ALA A 259 1.82 -15.39 9.18
C ALA A 259 2.74 -14.28 8.70
N LEU A 260 2.61 -13.10 9.32
CA LEU A 260 3.50 -11.99 9.00
C LEU A 260 4.86 -12.10 9.72
N ASN A 261 5.00 -13.12 10.57
CA ASN A 261 6.24 -13.36 11.34
C ASN A 261 7.15 -14.32 10.58
N LYS B 5 -1.72 -17.04 -13.38
CA LYS B 5 -0.78 -17.98 -12.67
C LYS B 5 -0.29 -19.05 -13.64
N ASP B 6 -1.23 -19.70 -14.31
CA ASP B 6 -0.92 -20.63 -15.39
C ASP B 6 -0.38 -19.88 -16.58
N ASP B 7 -0.85 -18.66 -16.77
CA ASP B 7 -0.33 -17.78 -17.80
C ASP B 7 1.16 -17.47 -17.60
N PHE B 8 1.55 -17.21 -16.35
CA PHE B 8 2.94 -16.90 -16.04
C PHE B 8 3.84 -18.12 -16.22
N ALA B 9 3.38 -19.27 -15.76
CA ALA B 9 4.11 -20.51 -15.91
C ALA B 9 4.30 -20.84 -17.41
N LYS B 10 3.25 -20.63 -18.20
CA LYS B 10 3.31 -20.78 -19.65
C LYS B 10 4.39 -19.90 -20.27
N LEU B 11 4.44 -18.63 -19.86
CA LEU B 11 5.45 -17.70 -20.37
C LEU B 11 6.85 -18.16 -19.99
N GLU B 12 7.02 -18.64 -18.75
CA GLU B 12 8.30 -19.16 -18.31
C GLU B 12 8.78 -20.32 -19.21
N GLU B 13 7.89 -21.27 -19.47
CA GLU B 13 8.26 -22.40 -20.32
C GLU B 13 8.49 -22.00 -21.79
N GLN B 14 7.68 -21.09 -22.30
CA GLN B 14 7.85 -20.70 -23.71
C GLN B 14 9.12 -19.88 -23.92
N PHE B 15 9.40 -18.98 -22.99
CA PHE B 15 10.61 -18.18 -23.09
C PHE B 15 11.83 -18.81 -22.41
N ASP B 16 11.68 -20.01 -21.88
CA ASP B 16 12.75 -20.70 -21.13
C ASP B 16 13.41 -19.75 -20.12
N ALA B 17 12.58 -19.16 -19.25
CA ALA B 17 13.04 -18.16 -18.29
C ALA B 17 12.25 -18.25 -16.99
N LYS B 18 12.82 -17.69 -15.93
CA LYS B 18 12.13 -17.54 -14.66
C LYS B 18 11.56 -16.12 -14.52
N LEU B 19 10.32 -16.01 -14.05
CA LEU B 19 9.65 -14.72 -13.89
C LEU B 19 9.42 -14.40 -12.43
N GLY B 20 9.64 -13.15 -12.06
CA GLY B 20 9.44 -12.68 -10.68
C GLY B 20 8.51 -11.49 -10.77
N ILE B 21 7.32 -11.61 -10.17
CA ILE B 21 6.26 -10.63 -10.40
C ILE B 21 5.66 -10.11 -9.09
N PHE B 22 5.66 -8.79 -8.93
CA PHE B 22 4.84 -8.18 -7.89
C PHE B 22 4.17 -6.92 -8.44
N ALA B 23 2.83 -6.89 -8.37
CA ALA B 23 2.07 -5.71 -8.73
C ALA B 23 1.08 -5.37 -7.61
N LEU B 24 0.95 -4.09 -7.30
CA LEU B 24 -0.05 -3.61 -6.34
C LEU B 24 -0.87 -2.47 -6.92
N ASP B 25 -2.18 -2.64 -6.97
CA ASP B 25 -3.05 -1.51 -7.26
C ASP B 25 -3.25 -0.75 -5.95
N THR B 26 -2.72 0.47 -5.88
CA THR B 26 -2.72 1.24 -4.64
C THR B 26 -4.10 1.77 -4.25
N GLY B 27 -5.06 1.72 -5.18
CA GLY B 27 -6.45 2.13 -4.90
C GLY B 27 -7.31 1.05 -4.26
N THR B 28 -6.95 -0.21 -4.50
CA THR B 28 -7.75 -1.33 -4.00
C THR B 28 -6.97 -2.29 -3.12
N ASN B 29 -5.63 -2.20 -3.14
CA ASN B 29 -4.78 -3.20 -2.47
C ASN B 29 -4.95 -4.61 -3.05
N ARG B 30 -5.31 -4.68 -4.33
CA ARG B 30 -5.32 -5.96 -5.06
C ARG B 30 -3.90 -6.16 -5.57
N THR B 31 -3.40 -7.38 -5.49
CA THR B 31 -2.02 -7.66 -5.88
C THR B 31 -1.99 -8.78 -6.91
N VAL B 32 -0.96 -8.80 -7.76
CA VAL B 32 -0.70 -9.94 -8.63
C VAL B 32 0.72 -10.36 -8.25
N THR B 33 0.87 -11.62 -7.85
CA THR B 33 2.20 -12.10 -7.43
C THR B 33 2.55 -13.38 -8.19
N TYR B 34 3.84 -13.53 -8.49
CA TYR B 34 4.35 -14.76 -9.06
C TYR B 34 5.85 -14.79 -8.71
N ARG B 35 6.26 -15.78 -7.93
CA ARG B 35 7.61 -15.80 -7.34
C ARG B 35 8.00 -14.40 -6.83
N PRO B 36 7.10 -13.74 -6.05
CA PRO B 36 7.32 -12.36 -5.62
C PRO B 36 8.53 -12.20 -4.71
N ASP B 37 8.95 -13.30 -4.10
CA ASP B 37 10.03 -13.24 -3.11
C ASP B 37 11.30 -13.98 -3.54
N GLU B 38 11.38 -14.34 -4.80
CA GLU B 38 12.59 -14.94 -5.34
C GLU B 38 13.57 -13.86 -5.78
N ARG B 39 14.84 -14.06 -5.48
CA ARG B 39 15.87 -13.07 -5.81
C ARG B 39 16.26 -13.12 -7.28
N PHE B 40 16.52 -11.94 -7.84
CA PHE B 40 17.06 -11.78 -9.17
C PHE B 40 18.08 -10.66 -9.04
N ALA B 41 19.09 -10.71 -9.90
CA ALA B 41 20.03 -9.60 -10.10
C ALA B 41 19.18 -8.39 -10.44
N PHE B 42 19.33 -7.30 -9.69
CA PHE B 42 18.50 -6.12 -9.98
C PHE B 42 18.95 -5.33 -11.20
N ALA B 43 20.23 -5.45 -11.57
CA ALA B 43 20.81 -4.71 -12.70
C ALA B 43 20.50 -3.22 -12.58
N THR B 45 17.93 -1.46 -12.54
CA THR B 45 16.73 -1.00 -11.83
C THR B 45 17.13 -0.34 -10.51
N ILE B 46 18.33 -0.68 -10.03
CA ILE B 46 18.89 -0.05 -8.85
C ILE B 46 19.07 1.48 -9.00
N LYS B 47 19.06 1.97 -10.24
CA LYS B 47 19.32 3.40 -10.52
C LYS B 47 18.17 4.25 -10.03
N ALA B 48 16.97 3.71 -10.14
CA ALA B 48 15.79 4.37 -9.64
C ALA B 48 15.88 4.56 -8.11
N LEU B 49 16.27 3.52 -7.40
CA LEU B 49 16.33 3.60 -5.93
C LEU B 49 17.52 4.45 -5.46
N THR B 50 18.57 4.45 -6.28
CA THR B 50 19.78 5.23 -6.02
C THR B 50 19.44 6.73 -6.04
N VAL B 51 18.72 7.15 -7.08
CA VAL B 51 18.20 8.52 -7.17
C VAL B 51 17.22 8.86 -6.03
N GLY B 52 16.39 7.91 -5.65
CA GLY B 52 15.45 8.13 -4.54
C GLY B 52 16.23 8.55 -3.29
N VAL B 53 17.29 7.81 -3.00
CA VAL B 53 18.15 8.09 -1.85
C VAL B 53 18.91 9.41 -2.00
N LEU B 54 19.35 9.73 -3.23
CA LEU B 54 19.96 11.04 -3.50
C LEU B 54 18.99 12.18 -3.16
N LEU B 55 17.72 12.03 -3.56
CA LEU B 55 16.68 12.99 -3.28
C LEU B 55 16.36 13.10 -1.77
N GLN B 56 16.51 12.02 -1.04
CA GLN B 56 16.40 12.02 0.43
C GLN B 56 17.45 12.93 1.08
N GLN B 57 18.66 12.90 0.54
CA GLN B 57 19.83 13.54 1.17
C GLN B 57 20.10 14.97 0.70
N LYS B 58 19.61 15.31 -0.48
CA LYS B 58 19.84 16.60 -1.11
C LYS B 58 18.55 17.41 -1.25
N SER B 59 18.67 18.73 -1.11
CA SER B 59 17.56 19.64 -1.43
C SER B 59 17.51 19.82 -2.95
N ILE B 60 16.42 20.41 -3.44
CA ILE B 60 16.28 20.73 -4.87
C ILE B 60 17.49 21.56 -5.31
N GLU B 61 17.81 22.58 -4.52
CA GLU B 61 18.98 23.44 -4.74
C GLU B 61 20.29 22.66 -4.85
N ASP B 62 20.52 21.72 -3.94
CA ASP B 62 21.75 20.91 -3.91
C ASP B 62 22.00 20.14 -5.21
N LEU B 63 20.93 19.83 -5.92
CA LEU B 63 21.01 19.09 -7.18
C LEU B 63 21.62 19.91 -8.32
N ASN B 64 21.66 21.23 -8.15
CA ASN B 64 22.29 22.12 -9.13
C ASN B 64 23.81 22.11 -9.05
N GLN B 65 24.33 21.55 -7.96
CA GLN B 65 25.78 21.45 -7.74
C GLN B 65 26.45 20.66 -8.86
N ARG B 66 27.55 21.22 -9.37
CA ARG B 66 28.30 20.65 -10.49
C ARG B 66 29.27 19.57 -10.03
N ILE B 67 29.26 18.42 -10.71
CA ILE B 67 30.22 17.35 -10.46
C ILE B 67 31.15 17.18 -11.65
N THR B 68 32.46 17.21 -11.36
CA THR B 68 33.49 17.02 -12.37
C THR B 68 33.96 15.57 -12.39
N TYR B 69 34.18 15.06 -13.60
CA TYR B 69 34.75 13.75 -13.80
C TYR B 69 35.69 13.81 -15.00
N THR B 70 36.64 12.89 -15.04
CA THR B 70 37.64 12.84 -16.10
C THR B 70 37.25 11.80 -17.13
N ARG B 71 38.11 11.62 -18.14
CA ARG B 71 37.91 10.60 -19.14
C ARG B 71 38.09 9.22 -18.52
N ASP B 72 38.97 9.14 -17.53
CA ASP B 72 39.25 7.90 -16.77
C ASP B 72 38.08 7.37 -15.94
N ASP B 73 37.20 8.27 -15.51
CA ASP B 73 36.08 7.89 -14.65
C ASP B 73 34.97 7.18 -15.43
N LEU B 74 34.94 7.39 -16.75
CA LEU B 74 33.94 6.76 -17.61
C LEU B 74 34.09 5.24 -17.58
N VAL B 75 32.95 4.54 -17.54
CA VAL B 75 32.97 3.09 -17.59
C VAL B 75 32.62 2.57 -18.99
N ASN B 76 31.76 1.55 -19.06
CA ASN B 76 31.49 0.82 -20.31
C ASN B 76 30.33 1.34 -21.15
N TYR B 77 29.41 2.09 -20.55
CA TYR B 77 28.24 2.58 -21.27
C TYR B 77 27.87 3.98 -20.77
N ASN B 78 28.20 4.98 -21.59
CA ASN B 78 28.20 6.38 -21.18
C ASN B 78 27.52 7.29 -22.20
N PRO B 79 26.27 6.96 -22.60
CA PRO B 79 25.63 7.70 -23.71
C PRO B 79 25.65 9.23 -23.54
N ILE B 80 25.42 9.71 -22.31
CA ILE B 80 25.37 11.14 -22.03
C ILE B 80 26.68 11.65 -21.44
N THR B 81 27.20 10.96 -20.43
CA THR B 81 28.37 11.43 -19.68
C THR B 81 29.65 11.60 -20.51
N GLU B 82 29.79 10.77 -21.55
CA GLU B 82 30.96 10.82 -22.43
C GLU B 82 31.13 12.17 -23.14
N LYS B 83 30.02 12.82 -23.44
CA LYS B 83 30.05 14.07 -24.20
C LYS B 83 29.93 15.33 -23.33
N HIS B 84 30.05 15.15 -22.02
CA HIS B 84 30.10 16.29 -21.10
C HIS B 84 31.33 16.20 -20.17
N VAL B 85 32.34 15.45 -20.61
CA VAL B 85 33.59 15.31 -19.87
C VAL B 85 34.25 16.68 -19.62
N ASP B 86 34.23 17.54 -20.63
CA ASP B 86 34.86 18.84 -20.54
C ASP B 86 34.17 19.76 -19.53
N THR B 87 32.84 19.80 -19.56
CA THR B 87 32.09 20.74 -18.73
C THR B 87 31.66 20.20 -17.36
N GLY B 88 31.61 18.87 -17.22
CA GLY B 88 31.05 18.23 -16.03
C GLY B 88 29.53 18.31 -16.06
N MET B 89 28.87 17.68 -15.09
CA MET B 89 27.40 17.67 -15.04
C MET B 89 26.86 17.95 -13.63
N THR B 90 25.69 18.58 -13.57
CA THR B 90 25.05 18.80 -12.28
C THR B 90 24.40 17.51 -11.82
N LEU B 91 24.22 17.37 -10.51
CA LEU B 91 23.57 16.18 -9.94
C LEU B 91 22.23 15.91 -10.62
N LYS B 92 21.46 16.98 -10.86
CA LYS B 92 20.15 16.86 -11.53
C LYS B 92 20.30 16.31 -12.93
N GLU B 93 21.33 16.77 -13.65
CA GLU B 93 21.62 16.29 -15.00
C GLU B 93 22.06 14.83 -14.98
N LEU B 94 22.80 14.45 -13.93
CA LEU B 94 23.28 13.06 -13.77
C LEU B 94 22.14 12.07 -13.51
N ALA B 95 21.21 12.44 -12.64
CA ALA B 95 20.01 11.63 -12.37
C ALA B 95 19.19 11.45 -13.64
N ASP B 96 19.04 12.53 -14.40
CA ASP B 96 18.35 12.49 -15.69
C ASP B 96 19.00 11.45 -16.61
N ALA B 97 20.33 11.52 -16.76
CA ALA B 97 21.06 10.56 -17.62
C ALA B 97 20.95 9.10 -17.14
N SER B 98 21.11 8.90 -15.82
CA SER B 98 21.03 7.58 -15.23
C SER B 98 19.64 6.97 -15.46
N LEU B 99 18.60 7.74 -15.15
CA LEU B 99 17.24 7.23 -15.22
C LEU B 99 16.76 7.06 -16.65
N ARG B 100 17.03 8.05 -17.50
CA ARG B 100 16.40 8.10 -18.81
C ARG B 100 17.18 7.36 -19.89
N TYR B 101 18.49 7.25 -19.72
CA TYR B 101 19.35 6.55 -20.68
C TYR B 101 20.11 5.37 -20.09
N SER B 102 19.94 5.15 -18.79
CA SER B 102 20.66 4.11 -18.06
C SER B 102 22.18 4.23 -18.24
N ASP B 103 22.65 5.48 -18.24
CA ASP B 103 24.07 5.83 -18.27
C ASP B 103 24.74 5.26 -17.00
N ASN B 104 25.76 4.42 -17.20
CA ASN B 104 26.42 3.73 -16.09
C ASN B 104 27.35 4.62 -15.24
N THR B 105 28.04 5.55 -15.89
CA THR B 105 28.86 6.52 -15.18
C THR B 105 28.00 7.41 -14.27
N ALA B 106 26.92 7.94 -14.81
CA ALA B 106 25.97 8.74 -14.03
C ALA B 106 25.60 8.04 -12.72
N GLN B 107 25.20 6.78 -12.82
CA GLN B 107 24.87 5.96 -11.63
C GLN B 107 26.01 5.91 -10.62
N ASN B 108 27.21 5.60 -11.09
CA ASN B 108 28.39 5.53 -10.25
C ASN B 108 28.68 6.82 -9.48
N LEU B 109 28.59 7.95 -10.18
CA LEU B 109 28.85 9.24 -9.56
C LEU B 109 27.79 9.57 -8.53
N ILE B 110 26.52 9.30 -8.85
CA ILE B 110 25.43 9.48 -7.87
C ILE B 110 25.65 8.56 -6.66
N LEU B 111 26.00 7.31 -6.94
CA LEU B 111 26.24 6.34 -5.90
C LEU B 111 27.39 6.80 -4.96
N LYS B 112 28.47 7.31 -5.56
CA LYS B 112 29.57 7.87 -4.80
C LYS B 112 29.10 9.03 -3.94
N GLN B 113 28.32 9.92 -4.55
CA GLN B 113 27.77 11.08 -3.87
C GLN B 113 27.00 10.70 -2.59
N ILE B 114 26.28 9.59 -2.65
CA ILE B 114 25.45 9.15 -1.51
C ILE B 114 26.19 8.23 -0.54
N GLY B 115 27.50 8.00 -0.78
CA GLY B 115 28.33 7.23 0.14
C GLY B 115 28.62 5.79 -0.25
N GLY B 116 28.28 5.42 -1.48
CA GLY B 116 28.57 4.08 -1.99
C GLY B 116 27.47 3.06 -1.75
N PRO B 117 27.68 1.80 -2.21
CA PRO B 117 26.69 0.73 -2.09
C PRO B 117 26.26 0.46 -0.65
N GLU B 118 27.21 0.50 0.28
CA GLU B 118 26.91 0.32 1.69
C GLU B 118 25.90 1.33 2.24
N SER B 119 26.12 2.61 1.97
CA SER B 119 25.21 3.68 2.36
C SER B 119 23.83 3.49 1.71
N LEU B 120 23.83 3.13 0.44
CA LEU B 120 22.58 2.87 -0.26
C LEU B 120 21.81 1.76 0.46
N LYS B 121 22.51 0.68 0.79
CA LYS B 121 21.90 -0.44 1.49
C LYS B 121 21.32 0.03 2.82
N LYS B 122 22.11 0.77 3.60
CA LYS B 122 21.67 1.26 4.91
C LYS B 122 20.40 2.11 4.80
N GLU B 123 20.37 3.00 3.83
CA GLU B 123 19.20 3.85 3.56
C GLU B 123 17.94 3.06 3.21
N LEU B 124 18.10 2.01 2.42
CA LEU B 124 16.98 1.16 2.06
C LEU B 124 16.50 0.34 3.26
N ARG B 125 17.45 -0.14 4.06
CA ARG B 125 17.14 -0.80 5.34
C ARG B 125 16.31 0.11 6.23
N LYS B 126 16.65 1.40 6.24
CA LYS B 126 15.94 2.41 7.03
C LYS B 126 14.48 2.60 6.63
N ILE B 127 14.17 2.33 5.37
CA ILE B 127 12.78 2.48 4.89
C ILE B 127 11.99 1.17 4.92
N GLY B 128 12.58 0.11 5.45
CA GLY B 128 11.89 -1.18 5.60
C GLY B 128 12.20 -2.17 4.49
N ASP B 129 13.15 -1.85 3.63
CA ASP B 129 13.62 -2.78 2.62
C ASP B 129 14.78 -3.58 3.21
N GLU B 130 14.47 -4.80 3.63
CA GLU B 130 15.44 -5.72 4.25
C GLU B 130 15.97 -6.74 3.24
N VAL B 131 15.71 -6.49 1.96
CA VAL B 131 15.96 -7.47 0.91
C VAL B 131 17.00 -7.00 -0.10
N THR B 132 16.81 -5.79 -0.62
CA THR B 132 17.70 -5.25 -1.66
C THR B 132 19.12 -5.18 -1.12
N ASN B 133 20.07 -5.72 -1.88
CA ASN B 133 21.43 -5.94 -1.39
C ASN B 133 22.54 -5.39 -2.29
N PRO B 134 22.68 -4.04 -2.35
CA PRO B 134 23.69 -3.43 -3.22
C PRO B 134 25.10 -3.59 -2.65
N GLU B 135 26.02 -3.97 -3.52
CA GLU B 135 27.41 -4.22 -3.12
C GLU B 135 28.41 -3.58 -4.10
N ARG B 136 27.98 -3.35 -5.34
CA ARG B 136 28.92 -2.90 -6.38
C ARG B 136 28.44 -1.71 -7.22
N PHE B 137 29.40 -1.13 -7.96
CA PHE B 137 29.19 -0.08 -8.97
C PHE B 137 28.90 -0.73 -10.34
N GLU B 138 28.48 0.08 -11.32
CA GLU B 138 28.25 -0.38 -12.69
C GLU B 138 29.59 -0.46 -13.40
N PRO B 139 29.80 -1.45 -14.29
CA PRO B 139 28.90 -2.53 -14.74
C PRO B 139 29.01 -3.83 -13.95
N GLU B 140 29.98 -3.90 -13.03
CA GLU B 140 30.24 -5.10 -12.24
C GLU B 140 28.98 -5.62 -11.54
N LEU B 141 28.17 -4.74 -10.97
CA LEU B 141 26.95 -5.15 -10.25
C LEU B 141 26.01 -6.05 -11.08
N ASN B 142 26.07 -5.92 -12.41
CA ASN B 142 25.20 -6.68 -13.33
C ASN B 142 25.47 -8.18 -13.36
N GLU B 143 26.66 -8.57 -12.89
CA GLU B 143 27.14 -9.96 -12.97
C GLU B 143 26.86 -10.70 -11.67
N VAL B 144 25.77 -11.46 -11.65
CA VAL B 144 25.36 -12.21 -10.46
C VAL B 144 25.16 -13.69 -10.82
N ASN B 145 25.84 -14.58 -10.10
CA ASN B 145 25.69 -16.02 -10.34
C ASN B 145 24.49 -16.61 -9.62
N PRO B 146 23.91 -17.71 -10.18
CA PRO B 146 22.75 -18.25 -9.48
C PRO B 146 23.21 -18.70 -8.09
N GLY B 147 22.36 -18.48 -7.10
CA GLY B 147 22.72 -18.75 -5.72
C GLY B 147 23.16 -17.52 -4.92
N GLU B 148 23.73 -16.52 -5.58
CA GLU B 148 24.30 -15.35 -4.89
C GLU B 148 23.27 -14.29 -4.57
N THR B 149 23.49 -13.57 -3.47
CA THR B 149 22.57 -12.50 -3.09
C THR B 149 23.11 -11.09 -3.41
N GLN B 150 24.41 -10.97 -3.71
CA GLN B 150 24.99 -9.66 -4.00
C GLN B 150 24.26 -8.99 -5.16
N ASP B 151 23.91 -7.73 -4.97
CA ASP B 151 23.23 -6.95 -6.03
C ASP B 151 21.98 -7.65 -6.55
N THR B 152 21.28 -8.29 -5.61
CA THR B 152 19.98 -8.87 -5.91
C THR B 152 18.88 -8.19 -5.09
N SER B 153 17.66 -8.38 -5.56
CA SER B 153 16.48 -8.05 -4.78
C SER B 153 15.36 -8.94 -5.29
N THR B 154 14.13 -8.71 -4.82
CA THR B 154 13.00 -9.49 -5.26
C THR B 154 11.98 -8.55 -5.88
N ALA B 155 11.01 -9.10 -6.62
CA ALA B 155 9.99 -8.23 -7.20
C ALA B 155 9.26 -7.47 -6.09
N ARG B 156 8.91 -8.16 -5.01
CA ARG B 156 8.12 -7.49 -3.96
C ARG B 156 8.90 -6.30 -3.39
N ALA B 157 10.19 -6.48 -3.14
CA ALA B 157 10.98 -5.45 -2.47
C ALA B 157 11.29 -4.26 -3.37
N LEU B 158 11.64 -4.51 -4.64
CA LEU B 158 11.90 -3.41 -5.56
C LEU B 158 10.63 -2.59 -5.79
N ALA B 159 9.52 -3.27 -6.01
CA ALA B 159 8.23 -2.56 -6.15
C ALA B 159 7.93 -1.72 -4.90
N THR B 160 8.09 -2.31 -3.71
CA THR B 160 7.77 -1.62 -2.46
C THR B 160 8.69 -0.43 -2.23
N SER B 161 9.97 -0.59 -2.57
CA SER B 161 10.93 0.50 -2.45
C SER B 161 10.68 1.63 -3.45
N LEU B 162 10.38 1.27 -4.69
CA LEU B 162 10.01 2.25 -5.67
C LEU B 162 8.75 3.01 -5.23
N GLN B 163 7.74 2.28 -4.78
CA GLN B 163 6.52 2.87 -4.23
C GLN B 163 6.84 3.85 -3.09
N ALA B 164 7.81 3.47 -2.25
CA ALA B 164 8.15 4.25 -1.05
C ALA B 164 8.69 5.63 -1.42
N PHE B 165 9.54 5.70 -2.43
CA PHE B 165 10.11 6.96 -2.90
C PHE B 165 9.16 7.74 -3.81
N ALA B 166 8.50 7.05 -4.71
CA ALA B 166 7.71 7.70 -5.75
C ALA B 166 6.29 8.08 -5.31
N LEU B 167 5.70 7.31 -4.39
CA LEU B 167 4.28 7.51 -4.04
C LEU B 167 4.02 7.80 -2.56
N GLU B 168 4.85 7.25 -1.66
CA GLU B 168 4.61 7.40 -0.23
C GLU B 168 5.26 8.69 0.27
N ASP B 169 5.49 8.79 1.58
CA ASP B 169 5.94 10.02 2.21
C ASP B 169 7.47 10.11 2.43
N LYS B 170 8.23 9.16 1.87
CA LYS B 170 9.69 9.15 2.05
C LYS B 170 10.33 10.42 1.49
N LEU B 171 9.73 10.93 0.41
CA LEU B 171 10.18 12.16 -0.24
C LEU B 171 9.05 13.18 -0.23
N PRO B 172 9.37 14.48 -0.12
CA PRO B 172 8.38 15.54 -0.27
C PRO B 172 7.95 15.64 -1.74
N SER B 173 6.74 16.19 -1.97
CA SER B 173 6.06 16.09 -3.26
C SER B 173 6.81 16.66 -4.45
N GLU B 174 7.57 17.73 -4.24
CA GLU B 174 8.41 18.30 -5.29
C GLU B 174 9.49 17.30 -5.74
N LYS B 175 10.03 16.54 -4.79
CA LYS B 175 11.06 15.54 -5.09
C LYS B 175 10.45 14.28 -5.70
N ARG B 176 9.29 13.86 -5.21
CA ARG B 176 8.59 12.72 -5.80
C ARG B 176 8.32 12.98 -7.27
N GLU B 177 7.87 14.20 -7.57
CA GLU B 177 7.52 14.59 -8.95
C GLU B 177 8.73 14.67 -9.89
N LEU B 178 9.90 14.99 -9.36
CA LEU B 178 11.14 14.95 -10.14
C LEU B 178 11.44 13.52 -10.57
N LEU B 179 11.45 12.62 -9.59
CA LEU B 179 11.70 11.20 -9.81
C LEU B 179 10.69 10.63 -10.80
N ILE B 180 9.39 10.83 -10.53
CA ILE B 180 8.32 10.36 -11.42
C ILE B 180 8.49 10.87 -12.87
N ASP B 181 8.71 12.18 -13.03
CA ASP B 181 8.86 12.78 -14.36
C ASP B 181 10.08 12.22 -15.13
N TRP B 182 11.23 12.08 -14.46
CA TRP B 182 12.38 11.40 -15.08
C TRP B 182 12.01 10.00 -15.61
N MET B 183 11.41 9.19 -14.74
CA MET B 183 11.00 7.83 -15.09
C MET B 183 9.89 7.78 -16.15
N LYS B 184 8.98 8.76 -16.13
CA LYS B 184 7.95 8.89 -17.18
C LYS B 184 8.60 9.06 -18.55
N ARG B 185 9.70 9.80 -18.61
CA ARG B 185 10.37 10.09 -19.86
C ARG B 185 11.59 9.18 -20.12
N ASN B 186 11.59 7.99 -19.53
CA ASN B 186 12.62 7.00 -19.81
C ASN B 186 12.65 6.63 -21.30
N THR B 187 13.85 6.45 -21.86
CA THR B 187 13.97 6.15 -23.29
C THR B 187 14.14 4.66 -23.55
N THR B 188 14.36 3.87 -22.50
CA THR B 188 14.90 2.51 -22.67
C THR B 188 13.89 1.37 -22.55
N GLY B 189 12.64 1.67 -22.16
CA GLY B 189 11.66 0.62 -21.89
C GLY B 189 10.47 0.49 -22.82
N ASP B 190 10.61 0.90 -24.07
CA ASP B 190 9.48 0.89 -25.02
C ASP B 190 8.94 -0.50 -25.31
N ALA B 191 9.81 -1.51 -25.25
CA ALA B 191 9.46 -2.90 -25.53
C ALA B 191 9.12 -3.71 -24.27
N LEU B 192 9.17 -3.10 -23.10
CA LEU B 192 8.93 -3.81 -21.83
C LEU B 192 7.52 -3.53 -21.29
N ILE B 193 7.41 -3.02 -20.05
CA ILE B 193 6.10 -2.73 -19.45
C ILE B 193 5.19 -1.87 -20.33
N ARG B 194 5.76 -0.83 -20.94
CA ARG B 194 5.02 0.07 -21.84
C ARG B 194 4.34 -0.65 -22.99
N ALA B 195 4.95 -1.73 -23.47
CA ALA B 195 4.37 -2.50 -24.58
C ALA B 195 3.26 -3.43 -24.09
N GLY B 196 3.10 -3.53 -22.77
CA GLY B 196 2.10 -4.41 -22.19
C GLY B 196 0.94 -3.73 -21.49
N VAL B 197 0.87 -2.40 -21.53
CA VAL B 197 -0.27 -1.68 -20.95
C VAL B 197 -1.20 -1.19 -22.05
N PRO B 198 -2.49 -0.96 -21.71
CA PRO B 198 -3.43 -0.46 -22.71
C PRO B 198 -3.18 0.99 -23.06
N GLU B 199 -3.83 1.45 -24.13
CA GLU B 199 -3.80 2.85 -24.54
C GLU B 199 -4.27 3.79 -23.44
N GLY B 200 -3.57 4.91 -23.28
CA GLY B 200 -3.96 5.92 -22.30
C GLY B 200 -3.40 5.70 -20.90
N TRP B 201 -2.78 4.55 -20.68
CA TRP B 201 -2.08 4.27 -19.42
C TRP B 201 -0.70 4.91 -19.47
N GLU B 202 -0.39 5.66 -18.42
CA GLU B 202 0.86 6.38 -18.31
C GLU B 202 1.89 5.51 -17.57
N VAL B 203 3.12 5.47 -18.07
CA VAL B 203 4.15 4.61 -17.47
C VAL B 203 5.38 5.38 -17.03
N ALA B 204 5.83 5.11 -15.81
CA ALA B 204 7.12 5.60 -15.30
C ALA B 204 7.95 4.39 -14.93
N ASP B 205 9.00 4.09 -15.70
CA ASP B 205 9.72 2.84 -15.49
C ASP B 205 11.25 2.97 -15.46
N LYS B 206 11.91 1.97 -14.91
CA LYS B 206 13.36 1.83 -15.05
C LYS B 206 13.68 0.38 -15.43
N THR B 207 14.39 0.20 -16.54
CA THR B 207 14.74 -1.12 -17.02
C THR B 207 16.04 -1.61 -16.40
N GLY B 208 16.30 -2.89 -16.58
CA GLY B 208 17.56 -3.49 -16.19
C GLY B 208 17.91 -4.61 -17.15
N ALA B 209 19.21 -4.86 -17.30
CA ALA B 209 19.69 -6.03 -18.01
C ALA B 209 20.98 -6.49 -17.37
N GLY B 210 21.08 -7.79 -17.05
CA GLY B 210 22.31 -8.34 -16.49
C GLY B 210 22.68 -9.70 -17.04
N SER B 211 23.63 -10.37 -16.38
CA SER B 211 24.10 -11.68 -16.81
C SER B 211 23.04 -12.74 -16.53
N TYR B 212 23.22 -13.93 -17.11
CA TYR B 212 22.20 -15.00 -17.05
C TYR B 212 20.87 -14.58 -17.68
N GLY B 213 20.95 -13.82 -18.76
CA GLY B 213 19.75 -13.38 -19.48
C GLY B 213 18.75 -12.64 -18.63
N THR B 214 19.25 -11.85 -17.69
CA THR B 214 18.42 -11.07 -16.80
C THR B 214 17.85 -9.84 -17.50
N ARG B 215 16.53 -9.70 -17.44
CA ARG B 215 15.84 -8.58 -18.05
C ARG B 215 14.70 -8.19 -17.14
N ASN B 216 14.78 -6.95 -16.62
CA ASN B 216 13.94 -6.42 -15.57
C ASN B 216 13.29 -5.13 -16.02
N ASP B 217 12.10 -4.87 -15.46
CA ASP B 217 11.48 -3.58 -15.57
C ASP B 217 10.68 -3.30 -14.30
N ILE B 218 10.88 -2.13 -13.73
CA ILE B 218 10.08 -1.72 -12.57
C ILE B 218 9.39 -0.40 -12.87
N ALA B 219 8.14 -0.26 -12.47
CA ALA B 219 7.35 0.89 -12.90
C ALA B 219 6.25 1.31 -11.94
N ILE B 220 5.86 2.58 -12.04
CA ILE B 220 4.53 3.01 -11.62
C ILE B 220 3.73 3.22 -12.89
N ILE B 221 2.48 2.74 -12.90
CA ILE B 221 1.57 2.88 -14.04
C ILE B 221 0.25 3.50 -13.60
N TRP B 222 -0.22 4.49 -14.37
CA TRP B 222 -1.49 5.16 -14.10
C TRP B 222 -2.50 4.82 -15.20
N PRO B 223 -3.60 4.13 -14.85
CA PRO B 223 -4.72 3.96 -15.77
C PRO B 223 -5.33 5.33 -16.07
N PRO B 224 -6.18 5.45 -17.08
CA PRO B 224 -6.79 6.74 -17.41
C PRO B 224 -7.47 7.35 -16.18
N LYS B 225 -8.28 6.56 -15.48
CA LYS B 225 -8.89 7.04 -14.24
C LYS B 225 -8.39 6.18 -13.09
N GLY B 226 -7.96 6.85 -12.02
CA GLY B 226 -7.70 6.14 -10.78
C GLY B 226 -6.26 6.02 -10.33
N ASP B 227 -6.10 5.32 -9.22
CA ASP B 227 -4.86 5.25 -8.49
C ASP B 227 -3.79 4.44 -9.22
N PRO B 228 -2.51 4.81 -9.00
CA PRO B 228 -1.42 4.12 -9.68
C PRO B 228 -1.28 2.66 -9.27
N VAL B 229 -0.72 1.87 -10.17
CA VAL B 229 -0.33 0.51 -9.92
C VAL B 229 1.20 0.53 -9.90
N VAL B 230 1.81 -0.03 -8.86
CA VAL B 230 3.27 -0.24 -8.84
C VAL B 230 3.55 -1.69 -9.21
N LEU B 231 4.58 -1.90 -10.04
CA LEU B 231 4.85 -3.18 -10.71
C LEU B 231 6.35 -3.43 -10.85
N ALA B 232 6.80 -4.60 -10.40
CA ALA B 232 8.12 -5.11 -10.75
C ALA B 232 7.94 -6.38 -11.56
N VAL B 233 8.58 -6.42 -12.74
CA VAL B 233 8.63 -7.62 -13.58
C VAL B 233 10.10 -7.96 -13.78
N LEU B 234 10.55 -9.05 -13.15
CA LEU B 234 11.94 -9.46 -13.20
C LEU B 234 12.04 -10.80 -13.87
N SER B 235 13.19 -11.08 -14.49
CA SER B 235 13.37 -12.34 -15.20
C SER B 235 14.83 -12.69 -15.35
N SER B 236 15.11 -13.99 -15.43
CA SER B 236 16.44 -14.49 -15.70
C SER B 236 16.34 -15.87 -16.31
N ARG B 237 17.48 -16.36 -16.81
CA ARG B 237 17.60 -17.67 -17.42
C ARG B 237 18.77 -18.45 -16.78
N ASP B 238 19.01 -19.68 -17.22
CA ASP B 238 19.95 -20.50 -16.50
C ASP B 238 21.37 -20.63 -17.06
N LYS B 239 21.63 -19.96 -18.19
CA LYS B 239 22.98 -19.92 -18.76
C LYS B 239 23.57 -18.51 -18.67
N LYS B 240 24.87 -18.42 -18.36
CA LYS B 240 25.55 -17.15 -18.13
C LYS B 240 25.38 -16.13 -19.26
N ASP B 241 25.58 -16.59 -20.49
CA ASP B 241 25.52 -15.72 -21.68
C ASP B 241 24.20 -15.85 -22.43
N ALA B 242 23.16 -16.30 -21.73
CA ALA B 242 21.83 -16.44 -22.31
C ALA B 242 21.31 -15.09 -22.75
N LYS B 243 20.56 -15.09 -23.85
CA LYS B 243 19.94 -13.88 -24.36
C LYS B 243 18.55 -13.70 -23.77
N TYR B 244 18.18 -12.45 -23.52
CA TYR B 244 16.84 -12.15 -23.01
C TYR B 244 15.93 -11.74 -24.19
N ASP B 245 14.62 -11.77 -23.96
CA ASP B 245 13.66 -11.29 -24.95
C ASP B 245 12.68 -10.36 -24.25
N ASP B 246 12.64 -9.10 -24.67
CA ASP B 246 11.78 -8.09 -24.06
C ASP B 246 10.30 -8.52 -24.06
N LYS B 247 9.91 -9.30 -25.09
CA LYS B 247 8.52 -9.74 -25.22
C LYS B 247 8.05 -10.53 -23.99
N LEU B 248 8.98 -11.17 -23.28
CA LEU B 248 8.61 -11.83 -22.05
C LEU B 248 8.03 -10.82 -21.03
N ILE B 249 8.69 -9.67 -20.90
CA ILE B 249 8.25 -8.66 -19.93
C ILE B 249 6.94 -8.01 -20.36
N ALA B 250 6.85 -7.62 -21.64
CA ALA B 250 5.62 -7.10 -22.22
C ALA B 250 4.42 -8.03 -22.01
N GLU B 251 4.62 -9.33 -22.24
CA GLU B 251 3.51 -10.29 -22.10
C GLU B 251 3.11 -10.47 -20.64
N ALA B 252 4.10 -10.57 -19.76
CA ALA B 252 3.83 -10.68 -18.33
C ALA B 252 3.01 -9.49 -17.83
N THR B 253 3.33 -8.30 -18.33
CA THR B 253 2.61 -7.08 -17.98
C THR B 253 1.14 -7.20 -18.41
N LYS B 254 0.90 -7.70 -19.62
CA LYS B 254 -0.46 -7.89 -20.09
C LYS B 254 -1.30 -8.77 -19.15
N VAL B 255 -0.67 -9.85 -18.65
CA VAL B 255 -1.31 -10.75 -17.68
C VAL B 255 -1.64 -10.01 -16.38
N VAL B 256 -0.69 -9.22 -15.88
CA VAL B 256 -0.87 -8.40 -14.66
C VAL B 256 -2.10 -7.47 -14.81
N VAL B 257 -2.13 -6.73 -15.92
CA VAL B 257 -3.21 -5.79 -16.21
C VAL B 257 -4.57 -6.50 -16.30
N LYS B 258 -4.60 -7.63 -16.99
CA LYS B 258 -5.82 -8.43 -17.12
C LYS B 258 -6.27 -8.92 -15.75
N ALA B 259 -5.31 -9.35 -14.93
CA ALA B 259 -5.63 -9.87 -13.61
C ALA B 259 -6.15 -8.79 -12.67
N LEU B 260 -5.71 -7.55 -12.85
CA LEU B 260 -6.16 -6.47 -11.96
C LEU B 260 -7.54 -5.94 -12.32
N ASN B 261 -7.98 -6.17 -13.55
CA ASN B 261 -9.31 -5.74 -14.00
C ASN B 261 -10.47 -6.47 -13.29
#